data_2FTZ
#
_entry.id   2FTZ
#
_cell.length_a   138.594
_cell.length_b   138.594
_cell.length_c   46.466
_cell.angle_alpha   90.000
_cell.angle_beta   90.000
_cell.angle_gamma   90.000
#
_symmetry.space_group_name_H-M   'P 43 21 2'
#
loop_
_entity.id
_entity.type
_entity.pdbx_description
1 polymer geranyltranstransferase
2 non-polymer 'UNKNOWN LIGAND'
3 non-polymer 1,2-ETHANEDIOL
4 water water
#
_entity_poly.entity_id   1
_entity_poly.type   'polypeptide(L)'
_entity_poly.pdbx_seq_one_letter_code
;MGSDKIHHHHHHMK(MLY)E(MLY)VEERIREILRPGWDLLTEEAMLYSATVGG(MLY)RIRPLLVLTLGEDLGVEEE
(MLY)LLDVAVAVELFHTASLIHDDLPPIDNADFRRG(MLY)PSCHRTYGEDIALLAGDGLFFLAFSQIS(MLY)IGNS
(MLY)IFEEFSETAY(MLY)LLLGEAMDVEFERR(MLY)MEVSQEMVERMYAF(MLY)TGALFAFCFSAPFIL(MLY)G
(MLY)DHT(MLY)M(MLY)LLGE(MLY)FGVAFQIYDDL(MLY)DILGSFEKVGKDLGKDTE(MLY)VTLV(MLY)
(MLY)VGIQ(MLY)AREMAD(MLY)YYEEVL(MLY)GIESEGLFRTLFLL(MLY)EL(MLY)QMVEER
;
_entity_poly.pdbx_strand_id   A
#
# COMPACT_ATOMS: atom_id res chain seq x y z
N HIS A 9 -11.73 14.51 -12.27
CA HIS A 9 -12.31 15.41 -11.24
C HIS A 9 -12.76 14.57 -10.04
N HIS A 10 -13.59 13.58 -10.37
CA HIS A 10 -13.93 12.44 -9.50
C HIS A 10 -12.78 11.97 -8.60
N HIS A 11 -11.71 11.49 -9.23
CA HIS A 11 -10.59 10.96 -8.48
C HIS A 11 -9.94 12.06 -7.65
N HIS A 12 -9.96 13.29 -8.18
CA HIS A 12 -9.39 14.46 -7.51
C HIS A 12 -10.13 14.82 -6.21
N MET A 13 -11.45 14.89 -6.28
CA MET A 13 -12.26 15.17 -5.10
C MET A 13 -11.93 14.17 -4.00
N LYS A 14 -11.89 12.88 -4.36
CA LYS A 14 -11.57 11.83 -3.40
C LYS A 14 -10.17 12.02 -2.84
N GLU A 16 -8.33 14.77 -2.63
CA GLU A 16 -8.29 15.98 -1.81
C GLU A 16 -8.86 15.73 -0.41
N VAL A 18 -8.83 12.82 1.14
CA VAL A 18 -7.79 12.03 1.81
C VAL A 18 -6.66 12.94 2.28
N GLU A 19 -6.16 13.82 1.41
CA GLU A 19 -5.07 14.76 1.74
C GLU A 19 -5.44 15.59 2.97
N GLU A 20 -6.66 16.10 2.98
CA GLU A 20 -7.14 16.95 4.08
C GLU A 20 -7.20 16.22 5.43
N ARG A 21 -7.69 14.99 5.41
CA ARG A 21 -7.76 14.18 6.62
C ARG A 21 -6.36 13.82 7.11
N ILE A 22 -5.47 13.47 6.18
CA ILE A 22 -4.08 13.18 6.53
C ILE A 22 -3.42 14.39 7.20
N ARG A 23 -3.61 15.57 6.63
CA ARG A 23 -3.06 16.77 7.26
C ARG A 23 -3.66 17.05 8.65
N GLU A 24 -4.93 16.78 8.86
CA GLU A 24 -5.56 16.90 10.19
C GLU A 24 -4.95 15.97 11.21
N ILE A 25 -4.84 14.69 10.85
CA ILE A 25 -4.30 13.70 11.76
C ILE A 25 -2.83 13.95 12.10
N LEU A 26 -2.06 14.39 11.11
CA LEU A 26 -0.64 14.59 11.28
C LEU A 26 -0.20 16.00 11.64
N ARG A 27 -1.13 16.89 11.93
CA ARG A 27 -0.81 18.25 12.39
C ARG A 27 -0.06 18.11 13.72
N PRO A 28 1.21 18.54 13.79
CA PRO A 28 1.89 18.36 15.08
C PRO A 28 1.18 19.01 16.27
N GLY A 29 1.28 18.35 17.42
CA GLY A 29 0.74 18.85 18.69
C GLY A 29 1.76 19.03 19.83
N TRP A 30 2.95 18.46 19.70
CA TRP A 30 3.94 18.34 20.80
C TRP A 30 5.30 18.92 20.48
N ASP A 31 5.42 19.71 19.42
CA ASP A 31 6.67 20.37 19.02
C ASP A 31 7.78 19.35 18.76
N LEU A 32 7.42 18.18 18.22
CA LEU A 32 8.39 17.14 17.95
C LEU A 32 8.81 17.09 16.49
N LEU A 33 10.12 16.94 16.25
CA LEU A 33 10.66 16.61 14.92
C LEU A 33 10.06 15.31 14.37
N THR A 34 9.74 14.36 15.24
CA THR A 34 9.10 13.12 14.87
C THR A 34 7.73 13.36 14.21
N GLU A 35 6.96 14.29 14.76
CA GLU A 35 5.66 14.69 14.19
C GLU A 35 5.82 15.31 12.81
N GLU A 36 6.77 16.22 12.71
CA GLU A 36 7.10 16.89 11.45
C GLU A 36 7.50 15.85 10.39
N ALA A 37 8.30 14.87 10.79
CA ALA A 37 8.74 13.83 9.88
C ALA A 37 7.60 12.94 9.35
N MET A 38 6.68 12.54 10.23
CA MET A 38 5.47 11.84 9.80
C MET A 38 4.66 12.62 8.81
N LEU A 39 4.45 13.91 9.07
CA LEU A 39 3.73 14.75 8.15
C LEU A 39 4.48 14.88 6.79
N TYR A 40 5.80 15.09 6.87
CA TYR A 40 6.64 15.20 5.66
C TYR A 40 6.46 13.98 4.76
N SER A 41 6.66 12.81 5.35
CA SER A 41 6.60 11.56 4.61
C SER A 41 5.23 11.30 3.98
N ALA A 42 4.17 11.63 4.71
CA ALA A 42 2.83 11.39 4.28
C ALA A 42 2.36 12.36 3.18
N THR A 43 3.04 13.48 3.04
CA THR A 43 2.62 14.52 2.11
C THR A 43 3.64 14.77 0.96
N VAL A 44 4.81 14.13 0.97
CA VAL A 44 5.84 14.39 -0.07
C VAL A 44 5.38 14.03 -1.48
N GLY A 45 4.48 13.07 -1.53
CA GLY A 45 3.88 12.71 -2.77
C GLY A 45 2.96 11.53 -2.49
N GLY A 46 2.80 10.68 -3.49
CA GLY A 46 1.87 9.56 -3.41
C GLY A 46 0.76 9.77 -4.41
N ARG A 48 -1.75 7.80 -4.22
CA ARG A 48 -2.87 7.53 -3.36
C ARG A 48 -3.79 6.48 -3.98
N ILE A 49 -3.21 5.50 -4.68
CA ILE A 49 -4.02 4.43 -5.27
C ILE A 49 -4.80 3.60 -4.23
N ARG A 50 -4.20 3.30 -3.09
CA ARG A 50 -4.83 2.46 -2.08
C ARG A 50 -6.07 3.13 -1.47
N PRO A 51 -5.92 4.36 -0.95
CA PRO A 51 -7.17 5.01 -0.49
C PRO A 51 -8.19 5.26 -1.60
N LEU A 52 -7.74 5.58 -2.82
CA LEU A 52 -8.65 5.77 -3.94
C LEU A 52 -9.46 4.48 -4.22
N LEU A 53 -8.82 3.31 -4.17
CA LEU A 53 -9.55 2.03 -4.33
C LEU A 53 -10.60 1.83 -3.26
N VAL A 54 -10.22 2.08 -2.00
CA VAL A 54 -11.15 1.95 -0.89
C VAL A 54 -12.36 2.85 -1.09
N LEU A 55 -12.12 4.11 -1.41
CA LEU A 55 -13.21 5.07 -1.56
C LEU A 55 -14.12 4.76 -2.75
N THR A 56 -13.52 4.34 -3.85
CA THR A 56 -14.24 4.00 -5.05
C THR A 56 -15.09 2.72 -4.85
N LEU A 57 -14.52 1.70 -4.22
CA LEU A 57 -15.27 0.48 -3.96
C LEU A 57 -16.44 0.78 -3.02
N GLY A 58 -16.17 1.58 -2.01
CA GLY A 58 -17.25 1.94 -1.05
C GLY A 58 -18.38 2.71 -1.68
N GLU A 59 -18.05 3.62 -2.60
CA GLU A 59 -19.06 4.32 -3.39
C GLU A 59 -19.93 3.33 -4.19
N ASP A 60 -19.28 2.44 -4.92
CA ASP A 60 -19.98 1.41 -5.67
C ASP A 60 -20.95 0.61 -4.78
N LEU A 61 -20.59 0.42 -3.52
CA LEU A 61 -21.35 -0.41 -2.59
C LEU A 61 -22.34 0.43 -1.77
N GLY A 62 -22.14 1.75 -1.76
CA GLY A 62 -23.02 2.66 -1.02
C GLY A 62 -22.75 2.62 0.48
N VAL A 63 -21.48 2.52 0.86
CA VAL A 63 -21.06 2.46 2.24
C VAL A 63 -20.95 3.89 2.78
N GLU A 64 -21.32 4.07 4.06
CA GLU A 64 -21.24 5.34 4.77
C GLU A 64 -19.86 5.98 4.61
N GLU A 65 -19.85 7.23 4.17
CA GLU A 65 -18.59 7.86 3.77
C GLU A 65 -17.57 8.04 4.92
N GLU A 66 -18.04 8.31 6.14
CA GLU A 66 -17.11 8.52 7.24
C GLU A 66 -16.28 7.28 7.61
N LEU A 68 -15.71 4.80 5.66
CA LEU A 68 -14.89 4.51 4.50
C LEU A 68 -13.64 5.39 4.42
N LEU A 69 -13.79 6.66 4.76
CA LEU A 69 -12.65 7.55 4.75
C LEU A 69 -11.66 7.17 5.85
N ASP A 70 -12.16 6.70 7.00
CA ASP A 70 -11.28 6.19 8.07
C ASP A 70 -10.47 4.98 7.62
N VAL A 71 -11.09 4.04 6.92
CA VAL A 71 -10.34 2.95 6.34
C VAL A 71 -9.27 3.43 5.34
N ALA A 72 -9.68 4.31 4.43
CA ALA A 72 -8.82 4.76 3.34
C ALA A 72 -7.59 5.46 3.94
N VAL A 73 -7.82 6.33 4.93
CA VAL A 73 -6.72 7.07 5.58
C VAL A 73 -5.83 6.12 6.36
N ALA A 74 -6.41 5.16 7.08
CA ALA A 74 -5.62 4.12 7.75
C ALA A 74 -4.65 3.39 6.83
N VAL A 75 -5.16 2.95 5.68
CA VAL A 75 -4.34 2.23 4.73
C VAL A 75 -3.18 3.12 4.21
N GLU A 76 -3.46 4.38 3.95
CA GLU A 76 -2.42 5.25 3.44
C GLU A 76 -1.33 5.57 4.50
N LEU A 77 -1.75 5.71 5.74
CA LEU A 77 -0.80 5.99 6.85
C LEU A 77 0.09 4.76 7.03
N PHE A 78 -0.52 3.60 6.96
CA PHE A 78 0.22 2.34 7.08
C PHE A 78 1.23 2.18 5.95
N HIS A 79 0.77 2.39 4.72
CA HIS A 79 1.62 2.40 3.56
C HIS A 79 2.81 3.34 3.73
N THR A 80 2.52 4.60 4.13
CA THR A 80 3.58 5.58 4.43
C THR A 80 4.64 5.05 5.40
N ALA A 81 4.18 4.49 6.50
CA ALA A 81 5.07 3.98 7.54
C ALA A 81 5.97 2.90 6.93
N SER A 82 5.37 2.04 6.11
CA SER A 82 6.11 0.88 5.58
C SER A 82 7.25 1.37 4.63
N LEU A 83 7.01 2.48 3.94
CA LEU A 83 8.02 3.04 3.03
C LEU A 83 9.17 3.69 3.85
N ILE A 84 8.82 4.40 4.91
CA ILE A 84 9.85 4.95 5.80
C ILE A 84 10.81 3.85 6.29
N HIS A 85 10.26 2.78 6.84
CA HIS A 85 11.11 1.70 7.36
C HIS A 85 11.91 0.98 6.24
N ASP A 86 11.28 0.70 5.10
CA ASP A 86 12.00 0.09 3.93
C ASP A 86 13.20 0.93 3.50
N ASP A 87 13.07 2.26 3.54
CA ASP A 87 14.13 3.18 3.07
C ASP A 87 15.32 3.25 4.01
N LEU A 88 15.11 2.86 5.27
CA LEU A 88 16.15 3.02 6.27
C LEU A 88 17.46 2.33 5.87
N PRO A 89 18.60 2.87 6.37
CA PRO A 89 19.89 2.34 5.98
C PRO A 89 20.08 0.80 6.13
N PRO A 90 19.58 0.17 7.24
CA PRO A 90 19.72 -1.30 7.37
C PRO A 90 18.92 -2.10 6.35
N ILE A 91 17.91 -1.48 5.78
CA ILE A 91 17.03 -2.17 4.88
C ILE A 91 17.48 -1.77 3.48
N ASP A 92 16.78 -0.84 2.83
CA ASP A 92 17.11 -0.49 1.45
C ASP A 92 18.00 0.73 1.30
N ASN A 93 18.17 1.49 2.38
CA ASN A 93 19.13 2.60 2.39
C ASN A 93 18.89 3.56 1.21
N ALA A 94 17.64 4.01 1.08
CA ALA A 94 17.25 4.95 0.02
C ALA A 94 17.55 6.40 0.41
N ASP A 95 18.33 7.07 -0.42
CA ASP A 95 18.59 8.50 -0.21
C ASP A 95 17.38 9.37 -0.64
N PHE A 96 16.54 8.82 -1.53
CA PHE A 96 15.37 9.52 -2.07
C PHE A 96 14.08 8.69 -2.06
N ARG A 97 12.95 9.40 -2.00
CA ARG A 97 11.63 8.80 -1.98
C ARG A 97 10.66 9.81 -2.59
N ARG A 98 10.07 9.47 -3.74
CA ARG A 98 9.19 10.39 -4.50
C ARG A 98 9.93 11.59 -5.08
N GLY A 99 11.22 11.41 -5.39
CA GLY A 99 12.07 12.50 -5.87
C GLY A 99 12.47 13.53 -4.81
N PRO A 101 14.38 14.04 -0.77
CA PRO A 101 15.16 13.30 0.22
C PRO A 101 14.28 12.43 1.14
N SER A 102 14.81 11.25 1.46
CA SER A 102 14.14 10.31 2.31
C SER A 102 14.02 10.87 3.73
N CYS A 103 13.12 10.25 4.48
CA CYS A 103 12.81 10.68 5.85
C CYS A 103 14.06 10.77 6.70
N HIS A 104 14.87 9.69 6.69
CA HIS A 104 16.09 9.64 7.50
C HIS A 104 17.14 10.61 7.03
N ARG A 105 17.18 10.90 5.72
CA ARG A 105 18.13 11.88 5.19
C ARG A 105 17.74 13.31 5.62
N THR A 106 16.45 13.52 5.84
CA THR A 106 15.92 14.83 6.18
C THR A 106 16.00 15.05 7.69
N TYR A 107 15.63 14.02 8.47
CA TYR A 107 15.46 14.15 9.91
C TYR A 107 16.41 13.34 10.77
N GLY A 108 17.12 12.37 10.21
CA GLY A 108 17.98 11.50 11.02
C GLY A 108 17.34 10.13 11.07
N GLU A 109 18.16 9.12 11.24
CA GLU A 109 17.70 7.75 11.30
C GLU A 109 16.88 7.45 12.53
N ASP A 110 17.23 8.07 13.65
CA ASP A 110 16.46 7.93 14.90
C ASP A 110 15.03 8.46 14.72
N ILE A 111 14.93 9.67 14.18
CA ILE A 111 13.65 10.31 13.99
C ILE A 111 12.83 9.54 12.99
N ALA A 112 13.46 9.08 11.91
CA ALA A 112 12.75 8.36 10.86
C ALA A 112 12.18 7.02 11.39
N LEU A 113 12.96 6.31 12.22
CA LEU A 113 12.53 5.04 12.81
C LEU A 113 11.26 5.29 13.63
N LEU A 114 11.32 6.32 14.45
CA LEU A 114 10.20 6.67 15.34
C LEU A 114 8.99 7.12 14.52
N ALA A 115 9.21 7.91 13.47
CA ALA A 115 8.13 8.35 12.58
C ALA A 115 7.37 7.21 11.94
N GLY A 116 8.11 6.18 11.53
CA GLY A 116 7.52 5.00 10.95
C GLY A 116 6.61 4.32 11.95
N ASP A 117 7.13 4.14 13.16
CA ASP A 117 6.36 3.53 14.25
C ASP A 117 5.10 4.34 14.56
N GLY A 118 5.25 5.66 14.69
CA GLY A 118 4.13 6.55 14.89
C GLY A 118 3.00 6.44 13.85
N LEU A 119 3.38 6.39 12.58
CA LEU A 119 2.46 6.20 11.50
C LEU A 119 1.71 4.91 11.55
N PHE A 120 2.40 3.80 11.85
CA PHE A 120 1.68 2.55 12.04
C PHE A 120 0.68 2.63 13.17
N PHE A 121 1.09 3.21 14.30
CA PHE A 121 0.17 3.35 15.44
C PHE A 121 -1.05 4.25 15.14
N LEU A 122 -0.81 5.35 14.46
CA LEU A 122 -1.90 6.18 13.98
C LEU A 122 -2.83 5.45 13.01
N ALA A 123 -2.28 4.58 12.18
CA ALA A 123 -3.11 3.80 11.26
C ALA A 123 -4.05 2.91 12.09
N PHE A 124 -3.52 2.16 13.06
CA PHE A 124 -4.35 1.36 13.95
C PHE A 124 -5.37 2.23 14.72
N SER A 125 -4.98 3.44 15.14
CA SER A 125 -5.91 4.31 15.85
C SER A 125 -7.10 4.68 14.93
N GLN A 126 -6.83 4.94 13.66
CA GLN A 126 -7.91 5.27 12.71
C GLN A 126 -8.84 4.12 12.51
N ILE A 127 -8.30 2.91 12.33
CA ILE A 127 -9.09 1.70 12.21
C ILE A 127 -9.94 1.46 13.42
N SER A 128 -9.39 1.72 14.60
CA SER A 128 -10.13 1.50 15.84
C SER A 128 -11.36 2.41 15.96
N ILE A 130 -13.55 2.98 13.82
CA ILE A 130 -14.66 2.39 13.06
C ILE A 130 -15.57 1.55 13.95
N GLY A 131 -15.00 0.92 14.97
CA GLY A 131 -15.79 0.12 15.92
C GLY A 131 -16.31 -1.18 15.33
N ASN A 132 -15.57 -1.74 14.36
CA ASN A 132 -15.92 -2.98 13.71
C ASN A 132 -14.80 -3.98 13.97
N SER A 133 -15.11 -5.02 14.73
CA SER A 133 -14.08 -5.96 15.15
C SER A 133 -13.48 -6.76 14.00
N ILE A 135 -13.04 -5.69 10.98
CA ILE A 135 -12.10 -4.83 10.28
C ILE A 135 -10.79 -4.77 11.07
N PHE A 136 -10.89 -4.68 12.38
CA PHE A 136 -9.70 -4.63 13.27
C PHE A 136 -8.86 -5.90 13.09
N GLU A 137 -9.53 -7.05 13.08
CA GLU A 137 -8.89 -8.34 12.92
C GLU A 137 -8.20 -8.48 11.57
N GLU A 138 -8.92 -8.12 10.51
CA GLU A 138 -8.36 -8.18 9.16
C GLU A 138 -7.19 -7.26 8.96
N PHE A 139 -7.29 -6.02 9.47
CA PHE A 139 -6.23 -5.05 9.37
C PHE A 139 -4.96 -5.55 10.11
N SER A 140 -5.16 -6.11 11.29
CA SER A 140 -4.04 -6.62 12.12
C SER A 140 -3.39 -7.78 11.41
N GLU A 141 -4.20 -8.66 10.82
CA GLU A 141 -3.67 -9.83 10.07
C GLU A 141 -2.89 -9.34 8.86
N THR A 142 -3.43 -8.32 8.18
CA THR A 142 -2.80 -7.71 7.04
C THR A 142 -1.43 -7.13 7.40
N ALA A 143 -1.34 -6.40 8.50
CA ALA A 143 -0.09 -5.79 8.97
C ALA A 143 0.99 -6.84 9.15
N TYR A 144 0.63 -7.92 9.81
CA TYR A 144 1.62 -8.98 10.09
C TYR A 144 2.06 -9.64 8.77
N LEU A 146 2.23 -8.25 5.79
CA LEU A 146 3.07 -7.30 5.13
C LEU A 146 4.51 -7.37 5.72
N LEU A 147 4.58 -7.50 7.04
CA LEU A 147 5.84 -7.62 7.74
C LEU A 147 6.57 -8.90 7.32
N LEU A 148 5.85 -10.00 7.34
CA LEU A 148 6.40 -11.30 6.86
C LEU A 148 6.96 -11.19 5.43
N GLY A 149 6.19 -10.56 4.54
CA GLY A 149 6.65 -10.30 3.17
C GLY A 149 7.93 -9.49 3.06
N GLU A 150 8.01 -8.39 3.80
CA GLU A 150 9.23 -7.57 3.87
C GLU A 150 10.42 -8.39 4.41
N ALA A 151 10.19 -9.14 5.49
CA ALA A 151 11.22 -10.02 6.06
C ALA A 151 11.72 -11.02 5.02
N MET A 152 10.80 -11.60 4.26
CA MET A 152 11.19 -12.57 3.22
C MET A 152 12.03 -11.86 2.19
N ASP A 153 11.64 -10.66 1.81
CA ASP A 153 12.41 -9.95 0.75
C ASP A 153 13.85 -9.72 1.23
N VAL A 154 13.99 -9.21 2.44
CA VAL A 154 15.30 -8.95 3.05
C VAL A 154 16.14 -10.23 3.18
N GLU A 155 15.53 -11.26 3.74
CA GLU A 155 16.23 -12.52 3.99
C GLU A 155 16.60 -13.29 2.71
N PHE A 156 15.70 -13.31 1.72
CA PHE A 156 15.97 -13.98 0.46
C PHE A 156 17.19 -13.35 -0.20
N GLU A 157 17.33 -12.05 -0.06
CA GLU A 157 18.46 -11.28 -0.63
C GLU A 157 19.75 -11.58 0.09
N ARG A 158 19.69 -11.72 1.41
CA ARG A 158 20.88 -11.64 2.23
C ARG A 158 21.38 -12.92 2.81
N ARG A 159 20.53 -13.93 2.84
CA ARG A 159 20.90 -15.23 3.30
C ARG A 159 21.30 -16.06 2.12
N MET A 161 20.52 -19.07 0.84
CA MET A 161 19.39 -19.98 0.99
C MET A 161 18.83 -20.31 -0.37
N GLU A 162 18.11 -21.43 -0.42
CA GLU A 162 17.39 -21.84 -1.61
C GLU A 162 16.11 -21.05 -1.63
N VAL A 163 15.84 -20.37 -2.74
CA VAL A 163 14.57 -19.62 -2.93
C VAL A 163 13.85 -20.10 -4.18
N SER A 164 12.74 -20.80 -3.98
CA SER A 164 11.95 -21.32 -5.08
C SER A 164 11.09 -20.22 -5.67
N GLN A 165 10.60 -20.50 -6.87
CA GLN A 165 9.61 -19.63 -7.50
C GLN A 165 8.37 -19.41 -6.61
N GLU A 166 7.85 -20.49 -6.02
CA GLU A 166 6.69 -20.41 -5.13
C GLU A 166 6.95 -19.46 -3.95
N MET A 167 8.15 -19.55 -3.39
CA MET A 167 8.53 -18.63 -2.31
C MET A 167 8.53 -17.17 -2.76
N VAL A 168 9.02 -16.90 -3.97
CA VAL A 168 8.99 -15.52 -4.47
C VAL A 168 7.59 -15.05 -4.67
N GLU A 169 6.74 -15.88 -5.24
CA GLU A 169 5.33 -15.51 -5.45
C GLU A 169 4.60 -15.28 -4.11
N ARG A 170 4.90 -16.10 -3.11
CA ARG A 170 4.33 -15.87 -1.77
C ARG A 170 4.80 -14.53 -1.17
N MET A 171 6.10 -14.23 -1.28
CA MET A 171 6.66 -12.99 -0.83
C MET A 171 5.93 -11.79 -1.46
N TYR A 172 5.64 -11.85 -2.77
CA TYR A 172 4.81 -10.79 -3.42
C TYR A 172 3.40 -10.66 -2.84
N ALA A 173 2.76 -11.81 -2.63
CA ALA A 173 1.39 -11.89 -2.14
C ALA A 173 1.36 -11.29 -0.72
N PHE A 174 2.42 -11.51 0.06
CA PHE A 174 2.47 -10.95 1.43
C PHE A 174 2.88 -9.48 1.46
N THR A 176 3.08 -7.11 -0.87
CA THR A 176 2.30 -6.15 -1.63
C THR A 176 0.84 -6.50 -1.77
N GLY A 177 0.59 -7.80 -1.93
CA GLY A 177 -0.74 -8.31 -2.08
C GLY A 177 -1.63 -8.14 -0.87
N ALA A 178 -1.06 -8.26 0.33
CA ALA A 178 -1.92 -8.24 1.54
C ALA A 178 -2.64 -6.90 1.71
N LEU A 179 -1.96 -5.81 1.47
CA LEU A 179 -2.59 -4.50 1.70
C LEU A 179 -3.69 -4.21 0.66
N PHE A 180 -3.45 -4.59 -0.59
CA PHE A 180 -4.53 -4.52 -1.59
C PHE A 180 -5.68 -5.46 -1.30
N ALA A 181 -5.39 -6.67 -0.80
CA ALA A 181 -6.41 -7.61 -0.36
C ALA A 181 -7.31 -6.96 0.67
N PHE A 182 -6.72 -6.23 1.61
CA PHE A 182 -7.47 -5.48 2.61
C PHE A 182 -8.29 -4.34 1.99
N CYS A 183 -7.71 -3.60 1.05
CA CYS A 183 -8.45 -2.53 0.39
C CYS A 183 -9.69 -3.05 -0.33
N PHE A 184 -9.57 -4.21 -0.96
CA PHE A 184 -10.69 -4.86 -1.71
C PHE A 184 -11.75 -5.38 -0.72
N SER A 185 -11.30 -5.92 0.43
CA SER A 185 -12.10 -6.59 1.46
C SER A 185 -12.90 -5.65 2.34
N ALA A 186 -12.20 -4.61 2.80
CA ALA A 186 -12.73 -3.77 3.87
C ALA A 186 -14.10 -3.16 3.54
N PRO A 187 -14.29 -2.63 2.30
CA PRO A 187 -15.62 -2.11 1.93
C PRO A 187 -16.74 -3.17 1.97
N PHE A 188 -16.43 -4.40 1.58
CA PHE A 188 -17.40 -5.51 1.69
C PHE A 188 -17.76 -5.84 3.15
N ILE A 189 -16.75 -5.90 4.01
CA ILE A 189 -16.99 -6.06 5.44
C ILE A 189 -17.87 -4.91 5.97
N LEU A 190 -17.60 -3.66 5.58
CA LEU A 190 -18.40 -2.53 6.05
C LEU A 190 -19.87 -2.64 5.56
N GLY A 192 -21.39 -5.53 5.14
CA GLY A 192 -21.94 -6.75 5.70
C GLY A 192 -22.05 -7.86 4.66
N ASP A 194 -20.05 -10.96 2.26
CA ASP A 194 -18.93 -11.89 2.36
C ASP A 194 -17.75 -11.31 1.54
N HIS A 195 -16.57 -11.24 2.15
CA HIS A 195 -15.41 -10.56 1.52
C HIS A 195 -14.35 -11.53 1.00
N THR A 196 -14.57 -12.83 1.16
CA THR A 196 -13.56 -13.84 0.92
C THR A 196 -13.05 -13.81 -0.51
N MET A 198 -13.36 -11.24 -2.76
CA MET A 198 -12.75 -9.95 -3.01
C MET A 198 -11.33 -9.87 -2.41
N LEU A 200 -9.20 -12.35 -2.03
CA LEU A 200 -8.32 -13.04 -2.96
C LEU A 200 -8.03 -12.29 -4.23
N LEU A 201 -9.06 -11.64 -4.78
CA LEU A 201 -8.89 -10.79 -5.92
C LEU A 201 -7.93 -9.63 -5.68
N GLY A 202 -8.03 -9.01 -4.51
CA GLY A 202 -7.14 -7.90 -4.15
C GLY A 202 -5.70 -8.37 -4.02
N GLU A 203 -5.50 -9.57 -3.48
CA GLU A 203 -4.18 -10.15 -3.39
C GLU A 203 -3.58 -10.35 -4.80
N PHE A 205 -4.46 -8.67 -7.59
CA PHE A 205 -4.17 -7.35 -8.01
C PHE A 205 -2.82 -6.85 -7.50
N GLY A 206 -2.55 -7.04 -6.22
CA GLY A 206 -1.28 -6.60 -5.60
C GLY A 206 -0.06 -7.30 -6.19
N VAL A 207 -0.17 -8.61 -6.43
CA VAL A 207 0.90 -9.34 -7.09
C VAL A 207 1.18 -8.75 -8.48
N ALA A 208 0.12 -8.53 -9.29
CA ALA A 208 0.26 -7.92 -10.60
C ALA A 208 0.88 -6.53 -10.49
N PHE A 209 0.44 -5.76 -9.48
CA PHE A 209 0.94 -4.40 -9.20
C PHE A 209 2.44 -4.44 -8.93
N GLN A 210 2.89 -5.38 -8.10
CA GLN A 210 4.32 -5.51 -7.78
C GLN A 210 5.12 -5.86 -9.05
N ILE A 211 4.60 -6.81 -9.82
CA ILE A 211 5.27 -7.16 -11.09
C ILE A 211 5.39 -5.96 -12.02
N TYR A 212 4.34 -5.18 -12.17
CA TYR A 212 4.43 -4.01 -13.00
C TYR A 212 5.44 -3.01 -12.43
N ASP A 213 5.53 -2.93 -11.11
CA ASP A 213 6.57 -2.11 -10.47
C ASP A 213 7.98 -2.59 -10.82
N ASP A 214 8.20 -3.90 -10.75
CA ASP A 214 9.50 -4.47 -11.14
C ASP A 214 9.87 -4.07 -12.55
N LEU A 215 8.91 -4.17 -13.46
CA LEU A 215 9.12 -3.85 -14.85
C LEU A 215 9.40 -2.36 -15.07
N ASP A 217 10.84 -0.44 -12.88
CA ASP A 217 12.16 -0.19 -12.33
C ASP A 217 13.25 -0.53 -13.34
N ILE A 218 13.00 -1.57 -14.14
CA ILE A 218 13.90 -1.91 -15.24
C ILE A 218 13.93 -0.79 -16.29
N LEU A 219 12.74 -0.43 -16.78
CA LEU A 219 12.63 0.68 -17.74
C LEU A 219 13.22 1.98 -17.16
N GLY A 220 12.98 2.24 -15.88
CA GLY A 220 13.47 3.44 -15.23
C GLY A 220 14.98 3.49 -15.14
N SER A 221 15.59 2.32 -14.90
CA SER A 221 17.06 2.21 -14.82
C SER A 221 17.74 2.70 -16.11
N PHE A 222 17.02 2.68 -17.23
CA PHE A 222 17.56 3.20 -18.49
C PHE A 222 17.63 4.74 -18.41
N GLU A 234 21.86 -10.40 -5.30
CA GLU A 234 21.10 -9.43 -4.53
C GLU A 234 19.56 -9.75 -4.48
N VAL A 236 15.74 -10.80 -4.87
CA VAL A 236 15.08 -11.84 -5.59
C VAL A 236 13.75 -11.27 -6.08
N THR A 237 13.56 -11.19 -7.39
CA THR A 237 12.34 -10.66 -7.97
C THR A 237 11.75 -11.77 -8.81
N LEU A 238 10.47 -11.63 -9.13
CA LEU A 238 9.83 -12.58 -9.96
C LEU A 238 10.39 -12.44 -11.37
N VAL A 239 10.67 -11.22 -11.79
CA VAL A 239 11.28 -10.99 -13.12
C VAL A 239 12.62 -11.71 -13.27
N VAL A 242 11.61 -15.87 -13.31
CA VAL A 242 10.91 -16.46 -14.47
C VAL A 242 11.13 -15.70 -15.78
N GLY A 243 11.76 -14.53 -15.72
CA GLY A 243 12.01 -13.72 -16.90
C GLY A 243 10.91 -12.72 -17.14
N ILE A 244 11.24 -11.68 -17.91
CA ILE A 244 10.31 -10.58 -18.21
C ILE A 244 9.06 -11.07 -18.89
N GLN A 245 9.20 -11.93 -19.89
CA GLN A 245 8.02 -12.36 -20.66
C GLN A 245 7.02 -13.13 -19.77
N ALA A 247 6.87 -13.19 -16.44
CA ALA A 247 6.37 -12.31 -15.39
C ALA A 247 5.23 -11.41 -15.87
N ARG A 248 5.45 -10.78 -17.01
CA ARG A 248 4.44 -9.91 -17.60
C ARG A 248 3.15 -10.68 -17.91
N GLU A 249 3.28 -11.90 -18.46
CA GLU A 249 2.13 -12.79 -18.69
C GLU A 249 1.36 -13.09 -17.40
N MET A 250 2.06 -13.37 -16.31
CA MET A 250 1.43 -13.61 -15.00
C MET A 250 0.67 -12.38 -14.55
N ALA A 251 1.32 -11.23 -14.60
CA ALA A 251 0.69 -9.96 -14.20
C ALA A 251 -0.55 -9.69 -15.04
N ASP A 252 -0.42 -9.81 -16.36
CA ASP A 252 -1.55 -9.56 -17.28
C ASP A 252 -2.72 -10.46 -17.01
N TYR A 254 -3.45 -12.10 -14.12
CA TYR A 254 -4.04 -11.70 -12.85
C TYR A 254 -4.87 -10.44 -13.02
N TYR A 255 -4.35 -9.50 -13.80
CA TYR A 255 -5.09 -8.26 -13.95
C TYR A 255 -6.42 -8.46 -14.68
N GLU A 256 -6.40 -9.33 -15.68
CA GLU A 256 -7.65 -9.66 -16.38
C GLU A 256 -8.67 -10.34 -15.44
N GLU A 257 -8.20 -11.26 -14.61
CA GLU A 257 -9.03 -11.90 -13.60
C GLU A 257 -9.66 -10.85 -12.69
N VAL A 258 -8.86 -9.90 -12.21
CA VAL A 258 -9.36 -8.85 -11.35
C VAL A 258 -10.46 -8.03 -12.06
N LEU A 259 -10.20 -7.61 -13.27
CA LEU A 259 -11.22 -6.85 -14.03
C LEU A 259 -12.51 -7.62 -14.22
N GLY A 261 -13.67 -10.08 -12.31
CA GLY A 261 -14.26 -10.23 -11.00
C GLY A 261 -14.96 -8.97 -10.51
N ILE A 262 -14.31 -7.84 -10.71
CA ILE A 262 -14.87 -6.53 -10.35
C ILE A 262 -16.15 -6.22 -11.19
N GLU A 263 -16.10 -6.45 -12.49
CA GLU A 263 -17.27 -6.27 -13.35
C GLU A 263 -18.39 -7.22 -12.94
N SER A 264 -18.07 -8.46 -12.62
CA SER A 264 -19.11 -9.43 -12.23
C SER A 264 -19.86 -9.04 -10.96
N GLU A 265 -19.21 -8.31 -10.07
CA GLU A 265 -19.82 -7.79 -8.86
C GLU A 265 -20.57 -6.46 -9.12
N GLY A 266 -20.51 -5.95 -10.33
CA GLY A 266 -21.23 -4.70 -10.69
C GLY A 266 -20.60 -3.45 -10.13
N LEU A 267 -19.31 -3.51 -9.85
CA LEU A 267 -18.57 -2.41 -9.22
C LEU A 267 -17.98 -1.52 -10.30
N PHE A 268 -18.84 -0.72 -10.96
CA PHE A 268 -18.45 -0.03 -12.19
C PHE A 268 -17.48 1.13 -12.00
N ARG A 269 -17.59 1.88 -10.91
CA ARG A 269 -16.61 2.96 -10.66
C ARG A 269 -15.19 2.39 -10.46
N THR A 270 -15.14 1.30 -9.72
CA THR A 270 -13.90 0.58 -9.44
C THR A 270 -13.38 0.00 -10.73
N LEU A 271 -14.26 -0.57 -11.54
CA LEU A 271 -13.82 -1.14 -12.84
C LEU A 271 -13.11 -0.07 -13.69
N PHE A 272 -13.72 1.10 -13.79
CA PHE A 272 -13.13 2.17 -14.60
C PHE A 272 -11.82 2.71 -14.01
N LEU A 273 -11.76 2.78 -12.70
CA LEU A 273 -10.50 3.15 -11.99
C LEU A 273 -9.40 2.16 -12.35
N LEU A 274 -9.71 0.86 -12.29
CA LEU A 274 -8.71 -0.15 -12.62
C LEU A 274 -8.30 -0.16 -14.08
N GLU A 276 -8.25 2.55 -15.97
CA GLU A 276 -7.41 3.73 -16.10
C GLU A 276 -6.00 3.47 -15.59
N LEU A 277 -5.88 2.82 -14.43
CA LEU A 277 -4.55 2.41 -13.94
C LEU A 277 -3.82 1.51 -14.94
N GLN A 279 -4.22 1.34 -18.23
CA GLN A 279 -3.81 2.12 -19.39
C GLN A 279 -2.52 2.89 -19.11
N MET A 280 -2.44 3.48 -17.92
CA MET A 280 -1.21 4.14 -17.48
C MET A 280 -0.01 3.20 -17.48
N VAL A 281 -0.18 1.98 -16.98
CA VAL A 281 0.90 0.99 -17.08
C VAL A 281 1.24 0.67 -18.52
N GLU A 282 0.24 0.55 -19.38
CA GLU A 282 0.44 0.21 -20.77
C GLU A 282 1.21 1.30 -21.50
N GLU A 283 1.06 2.54 -21.06
CA GLU A 283 1.67 3.66 -21.74
C GLU A 283 3.11 3.92 -21.30
N ARG A 284 3.62 3.12 -20.35
CA ARG A 284 5.04 3.16 -19.96
C ARG A 284 5.98 2.60 -21.05
#